data_3NXS
#
_entry.id   3NXS
#
_cell.length_a   78.630
_cell.length_b   91.460
_cell.length_c   57.470
_cell.angle_alpha   90.000
_cell.angle_beta   90.000
_cell.angle_gamma   90.000
#
_symmetry.space_group_name_H-M   'P 21 21 2'
#
loop_
_entity.id
_entity.type
_entity.pdbx_description
1 polymer 'LAO/AO transport system ATPase'
2 non-polymer "GUANOSINE-5'-DIPHOSPHATE"
3 non-polymer 'CHLORIDE ION'
4 water water
#
_entity_poly.entity_id   1
_entity_poly.type   'polypeptide(L)'
_entity_poly.pdbx_seq_one_letter_code
;GPGSMKAVNVHELAQSIRDGDRSALARAITLVESTRADHREQAQQLLLDLMPEAGSAMHVGITGVPGVGKSTTIEALGMH
LIEAGHRVAVLAVDPSSTRTGGSILGDKTRMARLAVHPDAYIRPSPTSGTLGGVAKATRETIVLLEAAGYDVILVETVGV
GQSEVTVAGMVDTFVFLTLARTGDQLQGIKKGVLELADVIVVNKADGEHAVEAKAAARELSGAIRLIYPRESLWRPPVLT
MSAVEGTGLPELWETVLRHREVLEEAGEFEARRRTQQVEWTWSMVRDAVLDRVMNHPEVRRIRDDVEQRVRLGELTPALA
AQEILDAAQ
;
_entity_poly.pdbx_strand_id   A
#
loop_
_chem_comp.id
_chem_comp.type
_chem_comp.name
_chem_comp.formula
CL non-polymer 'CHLORIDE ION' 'Cl -1'
GDP RNA linking GUANOSINE-5'-DIPHOSPHATE 'C10 H15 N5 O11 P2'
#
# COMPACT_ATOMS: atom_id res chain seq x y z
N ASN A 9 30.09 -7.43 -8.27
CA ASN A 9 29.40 -6.48 -7.34
C ASN A 9 27.90 -6.73 -7.46
N VAL A 10 27.26 -6.05 -8.40
CA VAL A 10 25.80 -6.08 -8.53
C VAL A 10 25.29 -7.51 -8.67
N HIS A 11 25.82 -8.24 -9.66
CA HIS A 11 25.34 -9.58 -9.91
C HIS A 11 25.64 -10.56 -8.76
N GLU A 12 26.71 -10.33 -8.01
CA GLU A 12 27.06 -11.25 -6.90
C GLU A 12 26.11 -11.03 -5.74
N LEU A 13 25.71 -9.77 -5.57
CA LEU A 13 24.77 -9.38 -4.54
C LEU A 13 23.40 -10.01 -4.81
N ALA A 14 23.01 -10.08 -6.08
CA ALA A 14 21.72 -10.68 -6.47
C ALA A 14 21.68 -12.15 -6.07
N GLN A 15 22.77 -12.85 -6.35
CA GLN A 15 22.86 -14.30 -6.13
C GLN A 15 22.82 -14.61 -4.64
N SER A 16 23.48 -13.79 -3.83
CA SER A 16 23.42 -13.95 -2.38
C SER A 16 22.00 -13.81 -1.84
N ILE A 17 21.28 -12.80 -2.32
CA ILE A 17 19.85 -12.64 -2.00
C ILE A 17 19.07 -13.87 -2.42
N ARG A 18 19.27 -14.32 -3.65
CA ARG A 18 18.63 -15.55 -4.15
C ARG A 18 18.94 -16.74 -3.24
N ASP A 19 20.17 -16.81 -2.72
CA ASP A 19 20.61 -17.90 -1.84
C ASP A 19 19.99 -17.84 -0.44
N GLY A 20 19.49 -16.67 -0.05
CA GLY A 20 18.91 -16.53 1.27
C GLY A 20 19.84 -15.89 2.28
N ASP A 21 20.92 -15.27 1.80
CA ASP A 21 21.84 -14.54 2.66
C ASP A 21 21.14 -13.27 3.18
N ARG A 22 20.77 -13.30 4.45
CA ARG A 22 20.05 -12.18 5.07
C ARG A 22 20.84 -10.89 5.13
N SER A 23 22.16 -11.01 5.19
CA SER A 23 23.04 -9.85 5.24
C SER A 23 23.09 -9.17 3.87
N ALA A 24 23.00 -9.96 2.81
CA ALA A 24 23.02 -9.41 1.49
C ALA A 24 21.68 -8.69 1.26
N LEU A 25 20.60 -9.27 1.78
CA LEU A 25 19.28 -8.68 1.72
C LEU A 25 19.28 -7.28 2.34
N ALA A 26 19.77 -7.17 3.58
CA ALA A 26 19.79 -5.90 4.31
C ALA A 26 20.69 -4.88 3.63
N ARG A 27 21.80 -5.36 3.08
CA ARG A 27 22.71 -4.48 2.34
C ARG A 27 21.93 -3.87 1.18
N ALA A 28 21.26 -4.74 0.40
CA ALA A 28 20.52 -4.32 -0.77
C ALA A 28 19.39 -3.37 -0.42
N ILE A 29 18.76 -3.61 0.73
CA ILE A 29 17.63 -2.78 1.18
C ILE A 29 18.09 -1.36 1.55
N THR A 30 19.25 -1.27 2.23
CA THR A 30 19.92 -0.01 2.50
C THR A 30 20.37 0.59 1.18
N LEU A 31 20.81 -0.26 0.26
CA LEU A 31 21.18 0.19 -1.07
C LEU A 31 20.00 0.83 -1.83
N VAL A 32 18.78 0.30 -1.70
CA VAL A 32 17.63 0.91 -2.40
C VAL A 32 17.08 2.12 -1.62
N GLU A 33 17.30 2.15 -0.30
CA GLU A 33 16.90 3.29 0.53
C GLU A 33 17.86 4.49 0.42
N SER A 34 18.97 4.27 -0.28
CA SER A 34 20.00 5.29 -0.33
C SER A 34 19.72 6.44 -1.30
N THR A 35 20.19 7.60 -0.89
CA THR A 35 19.92 8.85 -1.56
C THR A 35 21.06 9.24 -2.52
N ARG A 36 22.21 8.57 -2.41
CA ARG A 36 23.39 8.82 -3.27
C ARG A 36 23.18 8.28 -4.69
N ALA A 37 23.91 8.82 -5.65
CA ALA A 37 23.65 8.56 -7.07
C ALA A 37 24.41 7.35 -7.59
N ASP A 38 25.49 7.01 -6.91
CA ASP A 38 26.17 5.72 -7.16
C ASP A 38 25.30 4.52 -6.70
N HIS A 39 24.61 4.67 -5.56
CA HIS A 39 23.77 3.61 -5.00
C HIS A 39 22.49 3.45 -5.81
N ARG A 40 21.89 4.58 -6.18
CA ARG A 40 20.73 4.63 -7.05
C ARG A 40 20.95 3.90 -8.36
N GLU A 41 22.06 4.15 -9.04
CA GLU A 41 22.42 3.44 -10.27
C GLU A 41 22.63 1.95 -10.05
N GLN A 42 23.24 1.62 -8.91
CA GLN A 42 23.46 0.24 -8.46
C GLN A 42 22.16 -0.50 -8.18
N ALA A 43 21.25 0.18 -7.49
CA ALA A 43 19.94 -0.33 -7.15
C ALA A 43 19.15 -0.77 -8.39
N GLN A 44 19.15 0.07 -9.43
CA GLN A 44 18.41 -0.25 -10.63
C GLN A 44 19.03 -1.39 -11.42
N GLN A 45 20.35 -1.50 -11.40
CA GLN A 45 21.01 -2.64 -12.04
C GLN A 45 20.63 -3.91 -11.29
N LEU A 46 20.72 -3.86 -9.97
CA LEU A 46 20.21 -4.97 -9.14
C LEU A 46 18.79 -5.39 -9.49
N LEU A 47 17.87 -4.40 -9.60
CA LEU A 47 16.46 -4.70 -9.86
C LEU A 47 16.25 -5.34 -11.22
N LEU A 48 17.09 -4.96 -12.19
CA LEU A 48 17.12 -5.58 -13.53
C LEU A 48 17.52 -7.07 -13.46
N ASP A 49 18.61 -7.34 -12.77
CA ASP A 49 19.10 -8.71 -12.53
C ASP A 49 17.97 -9.54 -11.92
N LEU A 50 17.35 -8.99 -10.87
CA LEU A 50 16.26 -9.70 -10.19
C LEU A 50 14.92 -9.67 -10.91
N MET A 51 14.88 -9.19 -12.15
CA MET A 51 13.59 -9.17 -12.88
C MET A 51 12.82 -10.50 -12.98
N PRO A 52 13.53 -11.66 -13.10
CA PRO A 52 12.77 -12.94 -13.14
C PRO A 52 12.06 -13.27 -11.82
N GLU A 53 12.59 -12.79 -10.69
CA GLU A 53 11.96 -13.02 -9.39
C GLU A 53 10.86 -12.00 -9.07
N ALA A 54 10.92 -10.82 -9.71
CA ALA A 54 9.94 -9.77 -9.47
C ALA A 54 8.57 -10.30 -9.80
N GLY A 55 7.64 -10.12 -8.86
CA GLY A 55 6.26 -10.45 -9.11
C GLY A 55 5.89 -11.77 -8.50
N SER A 56 6.87 -12.49 -7.96
CA SER A 56 6.59 -13.85 -7.55
C SER A 56 5.84 -14.00 -6.23
N ALA A 57 5.54 -12.89 -5.56
CA ALA A 57 4.77 -12.99 -4.30
C ALA A 57 3.40 -12.45 -4.59
N MET A 58 2.42 -12.88 -3.82
CA MET A 58 1.17 -12.16 -3.73
C MET A 58 1.40 -10.75 -3.12
N HIS A 59 0.74 -9.73 -3.66
CA HIS A 59 0.85 -8.36 -3.09
C HIS A 59 -0.49 -7.95 -2.46
N VAL A 60 -0.53 -7.71 -1.15
CA VAL A 60 -1.81 -7.44 -0.48
C VAL A 60 -1.68 -6.17 0.32
N GLY A 61 -2.54 -5.20 0.04
CA GLY A 61 -2.61 -3.97 0.79
C GLY A 61 -3.60 -4.03 1.93
N ILE A 62 -3.28 -3.36 3.02
CA ILE A 62 -4.14 -3.39 4.19
C ILE A 62 -4.20 -2.00 4.76
N THR A 63 -5.40 -1.43 4.75
CA THR A 63 -5.54 -0.10 5.34
C THR A 63 -6.65 -0.07 6.34
N GLY A 64 -6.63 0.97 7.17
CA GLY A 64 -7.73 1.27 8.12
C GLY A 64 -7.23 2.41 9.00
N VAL A 65 -8.13 3.18 9.58
CA VAL A 65 -7.71 4.29 10.49
C VAL A 65 -7.15 3.75 11.81
N PRO A 66 -6.30 4.57 12.51
CA PRO A 66 -5.77 4.13 13.80
C PRO A 66 -6.92 3.65 14.72
N GLY A 67 -6.68 2.57 15.48
CA GLY A 67 -7.70 2.02 16.37
C GLY A 67 -8.62 0.97 15.77
N VAL A 68 -8.53 0.79 14.45
CA VAL A 68 -9.34 -0.23 13.77
C VAL A 68 -8.92 -1.63 14.19
N GLY A 69 -7.64 -1.82 14.54
CA GLY A 69 -7.11 -3.17 14.80
C GLY A 69 -6.22 -3.71 13.70
N LYS A 70 -5.56 -2.81 12.95
CA LYS A 70 -4.69 -3.20 11.82
C LYS A 70 -3.42 -4.03 12.24
N SER A 71 -2.66 -3.57 13.23
CA SER A 71 -1.50 -4.35 13.76
C SER A 71 -1.86 -5.76 14.19
N THR A 72 -2.91 -5.85 14.99
CA THR A 72 -3.43 -7.12 15.45
C THR A 72 -3.84 -8.05 14.32
N THR A 73 -4.52 -7.48 13.32
CA THR A 73 -4.98 -8.24 12.16
C THR A 73 -3.81 -8.75 11.34
N ILE A 74 -2.87 -7.85 11.04
CA ILE A 74 -1.70 -8.19 10.26
C ILE A 74 -0.88 -9.26 10.98
N GLU A 75 -0.77 -9.14 12.30
CA GLU A 75 -0.05 -10.15 13.09
C GLU A 75 -0.71 -11.54 13.02
N ALA A 76 -2.03 -11.56 13.21
CA ALA A 76 -2.82 -12.78 13.20
C ALA A 76 -2.82 -13.37 11.79
N LEU A 77 -3.01 -12.54 10.76
CA LEU A 77 -2.94 -13.02 9.39
C LEU A 77 -1.53 -13.52 9.02
N GLY A 78 -0.50 -12.82 9.48
CA GLY A 78 0.86 -13.21 9.20
C GLY A 78 1.13 -14.59 9.76
N MET A 79 0.84 -14.81 11.03
CA MET A 79 1.00 -16.15 11.66
C MET A 79 0.22 -17.25 10.99
N HIS A 80 -1.03 -16.96 10.62
CA HIS A 80 -1.89 -17.93 9.92
C HIS A 80 -1.32 -18.35 8.57
N LEU A 81 -0.65 -17.42 7.91
CA LEU A 81 -0.02 -17.72 6.65
C LEU A 81 1.30 -18.48 6.89
N ILE A 82 2.05 -18.09 7.91
CA ILE A 82 3.25 -18.83 8.23
C ILE A 82 2.88 -20.29 8.64
N GLU A 83 1.81 -20.47 9.41
CA GLU A 83 1.36 -21.83 9.82
C GLU A 83 1.03 -22.65 8.58
N ALA A 84 0.57 -21.97 7.52
CA ALA A 84 0.26 -22.62 6.25
C ALA A 84 1.46 -22.79 5.32
N GLY A 85 2.67 -22.47 5.78
CA GLY A 85 3.86 -22.62 4.94
C GLY A 85 4.34 -21.44 4.09
N HIS A 86 3.72 -20.28 4.21
CA HIS A 86 4.21 -19.11 3.48
C HIS A 86 5.36 -18.47 4.19
N ARG A 87 6.09 -17.61 3.48
CA ARG A 87 7.02 -16.69 4.16
C ARG A 87 6.53 -15.27 3.91
N VAL A 88 6.39 -14.47 4.98
CA VAL A 88 5.60 -13.24 4.92
C VAL A 88 6.42 -12.00 5.21
N ALA A 89 6.32 -11.01 4.33
CA ALA A 89 6.93 -9.74 4.64
C ALA A 89 5.85 -8.72 4.83
N VAL A 90 6.06 -7.83 5.79
CA VAL A 90 5.12 -6.75 6.04
C VAL A 90 5.83 -5.38 5.87
N LEU A 91 5.34 -4.52 4.95
CA LEU A 91 5.94 -3.19 4.76
C LEU A 91 4.96 -2.06 5.01
N ALA A 92 5.43 -1.00 5.62
CA ALA A 92 4.59 0.11 5.89
C ALA A 92 4.93 1.26 4.92
N VAL A 93 3.89 1.94 4.46
CA VAL A 93 4.00 3.16 3.66
C VAL A 93 3.26 4.22 4.44
N ASP A 94 3.95 4.97 5.29
CA ASP A 94 3.29 5.87 6.24
C ASP A 94 4.01 7.24 6.26
N ARG A 110 5.99 -3.63 18.18
CA ARG A 110 4.68 -3.46 17.56
C ARG A 110 3.92 -4.78 17.28
N MET A 111 4.49 -5.66 16.43
CA MET A 111 3.86 -6.96 16.18
C MET A 111 4.76 -8.05 16.69
N ALA A 112 4.79 -8.20 18.01
CA ALA A 112 5.77 -9.06 18.73
C ALA A 112 5.88 -10.46 18.16
N ARG A 113 4.75 -11.15 18.03
CA ARG A 113 4.73 -12.51 17.51
C ARG A 113 5.50 -12.60 16.19
N LEU A 114 5.24 -11.64 15.30
CA LEU A 114 5.73 -11.73 13.97
C LEU A 114 7.20 -11.35 13.87
N ALA A 115 7.62 -10.39 14.67
CA ALA A 115 8.99 -9.89 14.60
C ALA A 115 10.02 -10.96 15.01
N VAL A 116 9.61 -11.96 15.79
CA VAL A 116 10.57 -13.01 16.18
C VAL A 116 10.53 -14.22 15.23
N HIS A 117 9.52 -14.32 14.39
CA HIS A 117 9.49 -15.50 13.52
C HIS A 117 10.51 -15.41 12.38
N PRO A 118 11.29 -16.49 12.15
CA PRO A 118 12.30 -16.49 11.06
C PRO A 118 11.71 -16.40 9.66
N ASP A 119 10.46 -16.81 9.48
CA ASP A 119 9.80 -16.75 8.19
C ASP A 119 8.89 -15.50 8.01
N ALA A 120 9.08 -14.50 8.85
CA ALA A 120 8.42 -13.22 8.66
C ALA A 120 9.49 -12.14 8.55
N TYR A 121 9.20 -11.12 7.75
CA TYR A 121 10.10 -9.98 7.65
C TYR A 121 9.33 -8.69 7.93
N ILE A 122 9.86 -7.87 8.82
CA ILE A 122 9.22 -6.62 9.22
C ILE A 122 10.17 -5.41 9.15
N ARG A 123 9.78 -4.46 8.32
CA ARG A 123 10.50 -3.19 8.13
CA ARG A 123 10.49 -3.20 8.14
C ARG A 123 9.51 -2.05 8.40
N PRO A 124 9.88 -1.12 9.34
CA PRO A 124 9.02 0.08 9.44
C PRO A 124 9.13 0.94 8.16
N SER A 125 8.23 1.88 8.00
CA SER A 125 8.26 2.82 6.91
C SER A 125 9.57 3.62 6.93
N PRO A 126 10.14 3.75 5.75
CA PRO A 126 11.38 4.45 5.54
C PRO A 126 11.19 5.93 5.73
N THR A 127 12.25 6.61 6.15
CA THR A 127 12.19 8.01 6.43
C THR A 127 11.86 8.66 5.16
N SER A 128 10.95 9.61 5.22
CA SER A 128 10.33 10.14 4.04
C SER A 128 11.08 11.19 3.33
N GLY A 129 11.59 10.88 2.15
CA GLY A 129 12.01 11.98 1.33
C GLY A 129 10.66 12.65 1.08
N THR A 130 9.69 11.83 0.71
CA THR A 130 8.35 12.22 0.36
C THR A 130 7.49 10.98 0.40
N LEU A 131 6.21 11.13 0.17
CA LEU A 131 5.39 9.95 0.08
C LEU A 131 5.97 9.20 -1.08
N GLY A 132 6.34 9.92 -2.11
CA GLY A 132 6.89 9.32 -3.29
C GLY A 132 8.17 8.57 -3.06
N GLY A 133 9.04 9.11 -2.23
CA GLY A 133 10.26 8.46 -1.85
C GLY A 133 10.07 7.21 -1.04
N VAL A 134 9.15 7.27 -0.11
CA VAL A 134 8.84 6.13 0.66
C VAL A 134 8.24 5.02 -0.19
N ALA A 135 7.36 5.40 -1.08
CA ALA A 135 6.74 4.46 -1.96
C ALA A 135 7.71 3.82 -2.89
N LYS A 136 8.61 4.60 -3.41
CA LYS A 136 9.56 4.06 -4.32
C LYS A 136 10.42 3.03 -3.59
N ALA A 137 10.80 3.36 -2.38
CA ALA A 137 11.62 2.48 -1.61
C ALA A 137 10.90 1.18 -1.30
N THR A 138 9.63 1.27 -0.95
CA THR A 138 8.81 0.10 -0.66
C THR A 138 8.64 -0.78 -1.85
N ARG A 139 8.41 -0.18 -3.00
CA ARG A 139 8.21 -0.94 -4.24
C ARG A 139 9.42 -1.76 -4.60
N GLU A 140 10.57 -1.11 -4.50
CA GLU A 140 11.82 -1.74 -4.83
C GLU A 140 12.18 -2.81 -3.80
N THR A 141 11.90 -2.56 -2.53
CA THR A 141 12.15 -3.55 -1.50
C THR A 141 11.26 -4.79 -1.68
N ILE A 142 10.05 -4.60 -2.18
CA ILE A 142 9.21 -5.73 -2.56
C ILE A 142 9.97 -6.69 -3.49
N VAL A 143 10.66 -6.16 -4.50
CA VAL A 143 11.42 -7.03 -5.43
C VAL A 143 12.55 -7.79 -4.69
N LEU A 144 13.25 -7.10 -3.79
CA LEU A 144 14.35 -7.76 -3.06
C LEU A 144 13.82 -8.91 -2.20
N LEU A 145 12.68 -8.68 -1.57
CA LEU A 145 12.01 -9.69 -0.74
C LEU A 145 11.47 -10.87 -1.57
N GLU A 146 11.02 -10.61 -2.80
CA GLU A 146 10.51 -11.70 -3.64
C GLU A 146 11.70 -12.60 -4.03
N ALA A 147 12.81 -11.95 -4.35
CA ALA A 147 14.10 -12.61 -4.61
C ALA A 147 14.59 -13.46 -3.42
N ALA A 148 14.36 -12.99 -2.20
CA ALA A 148 14.80 -13.75 -1.01
C ALA A 148 13.88 -14.90 -0.68
N GLY A 149 12.82 -15.10 -1.45
CA GLY A 149 11.89 -16.20 -1.16
C GLY A 149 10.60 -15.86 -0.42
N TYR A 150 10.35 -14.58 -0.10
CA TYR A 150 9.08 -14.23 0.55
C TYR A 150 7.97 -14.33 -0.44
N ASP A 151 6.94 -15.13 -0.16
CA ASP A 151 5.90 -15.27 -1.19
C ASP A 151 4.60 -14.53 -0.91
N VAL A 152 4.55 -13.81 0.20
CA VAL A 152 3.39 -12.99 0.48
C VAL A 152 3.90 -11.70 1.09
N ILE A 153 3.48 -10.58 0.50
CA ILE A 153 3.87 -9.25 0.97
C ILE A 153 2.63 -8.47 1.38
N LEU A 154 2.58 -8.05 2.65
CA LEU A 154 1.50 -7.24 3.14
C LEU A 154 2.02 -5.80 3.18
N VAL A 155 1.28 -4.88 2.56
CA VAL A 155 1.67 -3.48 2.51
C VAL A 155 0.59 -2.70 3.24
N GLU A 156 0.98 -2.05 4.33
CA GLU A 156 0.04 -1.34 5.17
C GLU A 156 0.23 0.17 5.18
N THR A 157 -0.87 0.87 5.40
CA THR A 157 -0.91 2.30 5.58
C THR A 157 -2.14 2.75 6.43
N VAL A 158 -1.94 3.78 7.26
CA VAL A 158 -3.00 4.43 8.09
C VAL A 158 -3.91 5.38 7.27
N GLY A 159 -3.40 5.91 6.17
CA GLY A 159 -4.26 6.62 5.21
C GLY A 159 -4.32 8.14 5.31
N VAL A 160 -3.24 8.71 5.85
CA VAL A 160 -3.02 10.14 5.88
C VAL A 160 -2.86 10.56 4.40
N GLY A 161 -3.52 11.64 4.00
CA GLY A 161 -3.33 12.21 2.67
C GLY A 161 -3.56 11.23 1.53
N GLN A 162 -2.51 11.03 0.73
CA GLN A 162 -2.57 10.30 -0.54
C GLN A 162 -2.14 8.84 -0.35
N SER A 163 -2.12 8.39 0.91
CA SER A 163 -1.51 7.12 1.26
C SER A 163 -2.18 5.81 0.75
N GLU A 164 -3.49 5.77 0.81
CA GLU A 164 -4.21 4.61 0.36
C GLU A 164 -4.06 4.42 -1.13
N VAL A 165 -4.13 5.51 -1.88
CA VAL A 165 -4.02 5.52 -3.34
C VAL A 165 -2.66 5.01 -3.78
N THR A 166 -1.64 5.36 -3.00
CA THR A 166 -0.28 4.94 -3.19
C THR A 166 -0.14 3.43 -2.97
N VAL A 167 -0.71 2.90 -1.88
CA VAL A 167 -0.63 1.46 -1.63
C VAL A 167 -1.45 0.64 -2.65
N ALA A 168 -2.63 1.14 -3.01
CA ALA A 168 -3.50 0.50 -3.98
C ALA A 168 -2.75 0.25 -5.28
N GLY A 169 -1.84 1.17 -5.63
CA GLY A 169 -1.12 1.14 -6.92
C GLY A 169 0.03 0.15 -6.91
N MET A 170 0.32 -0.47 -5.76
CA MET A 170 1.41 -1.50 -5.66
C MET A 170 0.97 -2.88 -5.14
N VAL A 171 -0.33 -3.06 -4.99
CA VAL A 171 -0.88 -4.35 -4.59
C VAL A 171 -1.94 -4.89 -5.57
N ASP A 172 -2.18 -6.20 -5.46
CA ASP A 172 -3.19 -6.91 -6.30
C ASP A 172 -4.57 -6.86 -5.67
N THR A 173 -4.62 -6.78 -4.34
CA THR A 173 -5.86 -6.87 -3.58
C THR A 173 -5.71 -5.98 -2.38
N PHE A 174 -6.67 -5.08 -2.23
CA PHE A 174 -6.59 -4.05 -1.26
C PHE A 174 -7.70 -4.26 -0.24
N VAL A 175 -7.32 -4.51 1.00
CA VAL A 175 -8.24 -4.91 2.03
C VAL A 175 -8.46 -3.69 2.94
N PHE A 176 -9.71 -3.37 3.20
CA PHE A 176 -10.03 -2.19 3.95
C PHE A 176 -10.67 -2.63 5.24
N LEU A 177 -10.16 -2.12 6.35
CA LEU A 177 -10.62 -2.51 7.67
C LEU A 177 -11.42 -1.38 8.24
N THR A 178 -12.61 -1.68 8.74
CA THR A 178 -13.46 -0.65 9.32
C THR A 178 -14.02 -1.14 10.62
N LEU A 179 -14.73 -0.25 11.30
CA LEU A 179 -15.38 -0.55 12.56
C LEU A 179 -16.83 -0.16 12.42
N ALA A 180 -17.71 -0.91 13.08
CA ALA A 180 -19.09 -0.50 13.20
C ALA A 180 -19.23 0.39 14.44
N ARG A 181 -19.67 1.63 14.23
CA ARG A 181 -20.05 2.51 15.31
C ARG A 181 -21.28 1.90 15.99
N THR A 182 -22.27 1.51 15.19
CA THR A 182 -23.49 0.80 15.65
C THR A 182 -23.87 -0.18 14.54
N GLY A 183 -25.08 -0.74 14.61
CA GLY A 183 -25.56 -1.70 13.62
C GLY A 183 -26.04 -1.06 12.32
N ASP A 184 -26.13 0.28 12.32
CA ASP A 184 -26.51 1.03 11.12
C ASP A 184 -25.50 2.15 10.72
N GLN A 185 -24.38 2.26 11.44
CA GLN A 185 -23.30 3.18 11.05
C GLN A 185 -21.86 2.68 11.16
N LEU A 186 -21.11 2.91 10.08
CA LEU A 186 -19.66 2.67 10.06
C LEU A 186 -18.92 3.91 10.51
N GLN A 187 -17.69 3.76 11.00
CA GLN A 187 -16.89 4.94 11.37
C GLN A 187 -15.57 5.10 10.62
N GLY A 188 -15.13 6.36 10.52
CA GLY A 188 -13.83 6.70 9.93
C GLY A 188 -13.72 6.18 8.52
N ILE A 189 -14.71 6.50 7.69
CA ILE A 189 -14.57 6.20 6.26
C ILE A 189 -14.11 7.49 5.61
N LYS A 190 -12.88 7.51 5.11
CA LYS A 190 -12.31 8.74 4.53
C LYS A 190 -12.80 8.92 3.10
N LYS A 191 -12.61 10.14 2.59
CA LYS A 191 -13.14 10.65 1.31
C LYS A 191 -13.09 9.68 0.18
N GLY A 192 -11.89 9.31 -0.28
CA GLY A 192 -11.85 8.47 -1.51
C GLY A 192 -11.41 7.03 -1.32
N VAL A 193 -11.94 6.35 -0.29
CA VAL A 193 -11.35 5.05 0.12
C VAL A 193 -12.13 3.78 -0.22
N LEU A 194 -13.44 3.75 0.00
CA LEU A 194 -14.19 2.53 -0.34
C LEU A 194 -13.96 2.06 -1.75
N GLU A 195 -13.92 2.99 -2.69
CA GLU A 195 -13.69 2.71 -4.10
C GLU A 195 -12.41 1.91 -4.38
N LEU A 196 -11.43 2.04 -3.51
CA LEU A 196 -10.16 1.36 -3.64
C LEU A 196 -10.25 -0.08 -3.15
N ALA A 197 -11.27 -0.40 -2.36
CA ALA A 197 -11.30 -1.69 -1.65
C ALA A 197 -11.74 -2.87 -2.53
N ASP A 198 -10.97 -3.95 -2.47
CA ASP A 198 -11.39 -5.23 -3.03
C ASP A 198 -12.09 -6.13 -2.04
N VAL A 199 -11.77 -5.93 -0.75
CA VAL A 199 -12.40 -6.59 0.37
C VAL A 199 -12.61 -5.59 1.52
N ILE A 200 -13.75 -5.64 2.19
CA ILE A 200 -13.96 -4.79 3.35
C ILE A 200 -14.22 -5.65 4.56
N VAL A 201 -13.58 -5.29 5.65
CA VAL A 201 -13.68 -6.09 6.85
C VAL A 201 -14.22 -5.23 7.96
N VAL A 202 -15.32 -5.66 8.58
CA VAL A 202 -15.76 -5.03 9.81
C VAL A 202 -15.13 -5.82 10.97
N ASN A 203 -14.15 -5.21 11.61
CA ASN A 203 -13.34 -5.89 12.62
C ASN A 203 -13.97 -5.69 13.99
N LYS A 204 -13.35 -6.27 15.01
CA LYS A 204 -13.86 -6.21 16.38
C LYS A 204 -15.29 -6.74 16.50
N ALA A 205 -15.56 -7.80 15.75
CA ALA A 205 -16.85 -8.47 15.78
C ALA A 205 -16.76 -9.62 16.79
N ASP A 206 -16.68 -9.24 18.07
CA ASP A 206 -16.57 -10.17 19.20
C ASP A 206 -17.35 -9.59 20.38
N GLY A 207 -17.65 -10.44 21.38
CA GLY A 207 -18.34 -10.03 22.61
C GLY A 207 -19.73 -9.49 22.36
N GLU A 208 -20.16 -8.51 23.15
CA GLU A 208 -21.48 -7.89 23.03
C GLU A 208 -21.66 -7.18 21.69
N HIS A 209 -20.52 -6.78 21.09
CA HIS A 209 -20.52 -5.98 19.87
C HIS A 209 -20.71 -6.77 18.55
N ALA A 210 -20.49 -8.09 18.59
CA ALA A 210 -20.62 -8.99 17.44
C ALA A 210 -21.91 -8.73 16.66
N VAL A 211 -22.99 -8.57 17.42
CA VAL A 211 -24.34 -8.32 16.87
C VAL A 211 -24.30 -7.12 15.93
N GLU A 212 -23.98 -5.95 16.48
CA GLU A 212 -23.87 -4.70 15.74
C GLU A 212 -22.91 -4.78 14.51
N ALA A 213 -21.77 -5.44 14.67
CA ALA A 213 -20.80 -5.58 13.57
C ALA A 213 -21.34 -6.34 12.38
N LYS A 214 -22.06 -7.44 12.62
CA LYS A 214 -22.65 -8.22 11.53
C LYS A 214 -23.80 -7.48 10.83
N ALA A 215 -24.51 -6.61 11.55
CA ALA A 215 -25.65 -5.92 10.91
C ALA A 215 -25.11 -4.80 10.07
N ALA A 216 -24.00 -4.22 10.50
CA ALA A 216 -23.40 -3.14 9.74
C ALA A 216 -22.77 -3.72 8.45
N ALA A 217 -22.17 -4.90 8.57
CA ALA A 217 -21.57 -5.60 7.43
C ALA A 217 -22.59 -5.94 6.38
N ARG A 218 -23.74 -6.47 6.82
CA ARG A 218 -24.85 -6.74 5.93
C ARG A 218 -25.34 -5.48 5.26
N GLU A 219 -25.50 -4.42 6.05
CA GLU A 219 -25.93 -3.15 5.47
C GLU A 219 -24.94 -2.65 4.38
N LEU A 220 -23.65 -2.86 4.62
CA LEU A 220 -22.62 -2.44 3.65
C LEU A 220 -22.69 -3.33 2.40
N SER A 221 -22.98 -4.62 2.57
CA SER A 221 -23.20 -5.46 1.41
C SER A 221 -24.34 -4.91 0.57
N GLY A 222 -25.38 -4.45 1.26
CA GLY A 222 -26.55 -3.87 0.59
C GLY A 222 -26.14 -2.67 -0.25
N ALA A 223 -25.29 -1.83 0.33
CA ALA A 223 -24.83 -0.66 -0.35
C ALA A 223 -24.06 -1.03 -1.61
N ILE A 224 -23.22 -2.06 -1.52
CA ILE A 224 -22.41 -2.51 -2.66
C ILE A 224 -23.26 -3.07 -3.79
N ARG A 225 -24.25 -3.89 -3.44
CA ARG A 225 -25.20 -4.47 -4.39
C ARG A 225 -26.03 -3.38 -5.06
N LEU A 226 -26.37 -2.35 -4.29
CA LEU A 226 -27.08 -1.21 -4.84
C LEU A 226 -26.25 -0.45 -5.89
N ILE A 227 -24.96 -0.24 -5.59
CA ILE A 227 -24.15 0.73 -6.28
C ILE A 227 -23.27 0.14 -7.41
N TYR A 228 -22.57 -0.98 -7.18
CA TYR A 228 -21.77 -1.64 -8.24
C TYR A 228 -22.67 -2.43 -9.21
N PRO A 229 -22.49 -2.22 -10.53
CA PRO A 229 -23.25 -3.04 -11.52
C PRO A 229 -23.19 -4.53 -11.22
N ARG A 230 -24.34 -5.22 -11.29
CA ARG A 230 -24.38 -6.67 -11.08
C ARG A 230 -23.43 -7.40 -12.03
N GLU A 231 -23.12 -6.76 -13.16
CA GLU A 231 -22.29 -7.34 -14.22
C GLU A 231 -20.78 -7.35 -13.88
N SER A 232 -20.40 -6.69 -12.78
CA SER A 232 -19.01 -6.51 -12.38
C SER A 232 -18.29 -7.83 -12.26
N LEU A 233 -17.11 -7.90 -12.85
CA LEU A 233 -16.15 -9.01 -12.67
C LEU A 233 -15.84 -9.32 -11.21
N TRP A 234 -15.69 -8.29 -10.40
CA TRP A 234 -15.52 -8.50 -8.98
C TRP A 234 -16.23 -7.41 -8.25
N ARG A 235 -17.01 -7.80 -7.28
CA ARG A 235 -17.60 -6.81 -6.46
C ARG A 235 -17.14 -7.13 -5.05
N PRO A 236 -16.76 -6.11 -4.30
CA PRO A 236 -16.10 -6.43 -3.07
C PRO A 236 -17.02 -7.05 -2.02
N PRO A 237 -16.60 -8.20 -1.45
CA PRO A 237 -17.23 -8.82 -0.30
C PRO A 237 -17.01 -8.01 0.99
N VAL A 238 -18.01 -8.05 1.87
CA VAL A 238 -17.90 -7.53 3.21
C VAL A 238 -17.87 -8.70 4.17
N LEU A 239 -16.88 -8.68 5.05
CA LEU A 239 -16.65 -9.75 5.98
C LEU A 239 -16.59 -9.15 7.34
N THR A 240 -16.84 -9.99 8.34
CA THR A 240 -16.62 -9.62 9.74
C THR A 240 -15.50 -10.50 10.28
N MET A 241 -14.85 -10.02 11.33
CA MET A 241 -13.67 -10.65 11.82
C MET A 241 -13.47 -10.23 13.24
N SER A 242 -12.85 -11.11 14.01
CA SER A 242 -12.21 -10.70 15.24
C SER A 242 -10.74 -10.99 15.08
N ALA A 243 -9.95 -9.94 14.90
CA ALA A 243 -8.51 -10.08 14.88
C ALA A 243 -8.05 -10.79 16.17
N VAL A 244 -8.59 -10.36 17.33
CA VAL A 244 -8.15 -10.92 18.62
C VAL A 244 -8.47 -12.40 18.78
N GLU A 245 -9.70 -12.79 18.51
CA GLU A 245 -10.09 -14.22 18.65
C GLU A 245 -9.70 -15.08 17.45
N GLY A 246 -9.37 -14.47 16.32
CA GLY A 246 -8.98 -15.22 15.12
C GLY A 246 -10.13 -15.79 14.29
N THR A 247 -11.36 -15.51 14.68
CA THR A 247 -12.50 -15.93 13.86
C THR A 247 -12.67 -15.03 12.65
N GLY A 248 -12.82 -15.64 11.47
CA GLY A 248 -13.03 -14.90 10.23
C GLY A 248 -11.73 -14.64 9.49
N LEU A 249 -10.61 -14.85 10.18
CA LEU A 249 -9.30 -14.75 9.56
C LEU A 249 -9.10 -15.75 8.41
N PRO A 250 -9.43 -17.05 8.63
CA PRO A 250 -9.29 -17.97 7.48
C PRO A 250 -10.07 -17.53 6.26
N GLU A 251 -11.29 -17.03 6.50
CA GLU A 251 -12.23 -16.59 5.45
C GLU A 251 -11.74 -15.34 4.69
N LEU A 252 -11.16 -14.39 5.43
CA LEU A 252 -10.51 -13.23 4.84
C LEU A 252 -9.42 -13.71 3.88
N TRP A 253 -8.58 -14.65 4.34
CA TRP A 253 -7.57 -15.16 3.44
C TRP A 253 -8.12 -15.90 2.20
N GLU A 254 -9.17 -16.70 2.35
CA GLU A 254 -9.80 -17.36 1.20
C GLU A 254 -10.34 -16.35 0.19
N THR A 255 -10.84 -15.22 0.69
CA THR A 255 -11.42 -14.20 -0.16
C THR A 255 -10.35 -13.48 -0.96
N VAL A 256 -9.17 -13.35 -0.36
CA VAL A 256 -8.02 -12.75 -1.02
C VAL A 256 -7.56 -13.69 -2.16
N LEU A 257 -7.49 -14.99 -1.88
CA LEU A 257 -7.10 -15.98 -2.88
C LEU A 257 -8.17 -16.06 -3.98
N ARG A 258 -9.43 -15.94 -3.57
CA ARG A 258 -10.52 -15.96 -4.53
C ARG A 258 -10.37 -14.79 -5.51
N HIS A 259 -10.02 -13.61 -4.97
CA HIS A 259 -9.83 -12.42 -5.82
C HIS A 259 -8.79 -12.62 -6.91
N ARG A 260 -7.63 -13.11 -6.50
CA ARG A 260 -6.58 -13.47 -7.41
C ARG A 260 -7.08 -14.41 -8.50
N GLU A 261 -7.74 -15.51 -8.08
CA GLU A 261 -8.29 -16.51 -9.04
C GLU A 261 -9.22 -15.89 -10.05
N VAL A 262 -10.21 -15.12 -9.60
CA VAL A 262 -11.12 -14.43 -10.51
C VAL A 262 -10.32 -13.54 -11.49
N LEU A 263 -9.28 -12.86 -11.00
CA LEU A 263 -8.50 -11.97 -11.86
C LEU A 263 -7.64 -12.74 -12.87
N GLU A 264 -6.91 -13.77 -12.41
CA GLU A 264 -6.15 -14.65 -13.31
C GLU A 264 -7.06 -15.31 -14.35
N GLU A 265 -8.24 -15.74 -13.90
CA GLU A 265 -9.20 -16.44 -14.74
C GLU A 265 -9.71 -15.57 -15.88
N ALA A 266 -9.85 -14.25 -15.61
CA ALA A 266 -10.20 -13.22 -16.60
C ALA A 266 -9.01 -12.78 -17.47
N GLY A 267 -7.82 -13.31 -17.17
CA GLY A 267 -6.58 -12.92 -17.86
C GLY A 267 -6.28 -11.44 -17.63
N GLU A 268 -6.25 -11.04 -16.36
CA GLU A 268 -6.35 -9.65 -15.96
C GLU A 268 -5.37 -9.36 -14.81
N PHE A 269 -4.84 -10.44 -14.21
CA PHE A 269 -3.93 -10.37 -13.11
C PHE A 269 -2.59 -9.72 -13.48
N GLU A 270 -1.98 -10.22 -14.57
CA GLU A 270 -0.69 -9.74 -15.05
C GLU A 270 -0.89 -8.44 -15.77
N ALA A 271 -2.02 -8.28 -16.44
CA ALA A 271 -2.32 -7.06 -17.12
C ALA A 271 -2.31 -5.88 -16.11
N ARG A 272 -2.92 -6.09 -14.94
CA ARG A 272 -2.98 -5.06 -13.90
C ARG A 272 -1.63 -4.66 -13.33
N ARG A 273 -0.77 -5.66 -13.11
CA ARG A 273 0.57 -5.41 -12.62
C ARG A 273 1.37 -4.62 -13.62
N ARG A 274 1.31 -5.02 -14.89
CA ARG A 274 1.97 -4.25 -15.93
C ARG A 274 1.50 -2.80 -15.97
N THR A 275 0.18 -2.57 -15.85
CA THR A 275 -0.34 -1.20 -15.73
C THR A 275 0.16 -0.47 -14.46
N GLN A 276 0.26 -1.17 -13.33
CA GLN A 276 0.82 -0.52 -12.15
C GLN A 276 2.24 -0.01 -12.40
N GLN A 277 3.04 -0.79 -13.13
CA GLN A 277 4.45 -0.42 -13.36
C GLN A 277 4.57 0.82 -14.26
N VAL A 278 3.70 0.87 -15.29
CA VAL A 278 3.70 1.98 -16.23
C VAL A 278 3.21 3.25 -15.57
N GLU A 279 2.19 3.11 -14.73
CA GLU A 279 1.62 4.22 -14.01
C GLU A 279 2.61 4.79 -13.00
N TRP A 280 3.41 3.93 -12.41
CA TRP A 280 4.42 4.37 -11.48
C TRP A 280 5.60 5.05 -12.19
N THR A 281 6.01 4.52 -13.34
CA THR A 281 6.93 5.24 -14.21
C THR A 281 6.48 6.72 -14.34
N TRP A 282 5.22 6.94 -14.76
CA TRP A 282 4.76 8.27 -15.05
C TRP A 282 4.63 9.09 -13.81
N SER A 283 4.33 8.47 -12.68
CA SER A 283 4.19 9.32 -11.53
C SER A 283 5.56 9.81 -11.02
N MET A 284 6.62 9.02 -11.26
CA MET A 284 7.96 9.51 -10.99
C MET A 284 8.36 10.69 -11.92
N VAL A 285 7.99 10.61 -13.20
CA VAL A 285 8.20 11.68 -14.14
C VAL A 285 7.42 12.90 -13.63
N ARG A 286 6.14 12.73 -13.27
CA ARG A 286 5.35 13.86 -12.79
C ARG A 286 5.97 14.51 -11.52
N ASP A 287 6.42 13.70 -10.56
CA ASP A 287 6.97 14.21 -9.29
C ASP A 287 8.23 15.02 -9.52
N ALA A 288 9.10 14.52 -10.40
CA ALA A 288 10.33 15.21 -10.74
C ALA A 288 10.02 16.56 -11.39
N VAL A 289 9.18 16.55 -12.40
CA VAL A 289 8.84 17.80 -13.08
C VAL A 289 8.12 18.80 -12.11
N LEU A 290 7.20 18.31 -11.28
CA LEU A 290 6.46 19.22 -10.39
C LEU A 290 7.31 19.74 -9.22
N ASP A 291 8.22 18.91 -8.72
CA ASP A 291 9.13 19.30 -7.65
C ASP A 291 10.01 20.49 -8.01
N ARG A 292 10.46 20.56 -9.27
CA ARG A 292 11.31 21.66 -9.72
C ARG A 292 10.61 22.98 -9.48
N VAL A 293 9.30 22.99 -9.71
CA VAL A 293 8.52 24.20 -9.48
C VAL A 293 8.19 24.43 -8.00
N MET A 294 7.72 23.39 -7.31
CA MET A 294 7.19 23.54 -5.96
C MET A 294 8.26 23.81 -4.92
N ASN A 295 9.44 23.28 -5.15
CA ASN A 295 10.55 23.41 -4.23
C ASN A 295 11.43 24.56 -4.66
N HIS A 296 11.10 25.23 -5.76
CA HIS A 296 11.91 26.36 -6.20
C HIS A 296 11.88 27.44 -5.09
N PRO A 297 13.06 27.90 -4.63
CA PRO A 297 13.08 28.82 -3.50
C PRO A 297 12.30 30.10 -3.77
N GLU A 298 12.28 30.56 -5.01
CA GLU A 298 11.52 31.76 -5.32
C GLU A 298 10.01 31.53 -5.30
N VAL A 299 9.55 30.36 -5.79
CA VAL A 299 8.17 29.99 -5.68
C VAL A 299 7.79 29.88 -4.18
N ARG A 300 8.63 29.23 -3.38
CA ARG A 300 8.32 29.05 -1.96
C ARG A 300 8.19 30.40 -1.22
N ARG A 301 8.99 31.37 -1.67
CA ARG A 301 9.05 32.71 -1.10
C ARG A 301 7.77 33.52 -1.40
N ILE A 302 7.28 33.47 -2.64
CA ILE A 302 6.09 34.25 -3.00
C ILE A 302 4.75 33.53 -2.87
N ARG A 303 4.74 32.21 -2.68
CA ARG A 303 3.50 31.48 -2.94
C ARG A 303 2.41 31.91 -2.00
N ASP A 304 2.77 32.15 -0.74
CA ASP A 304 1.76 32.56 0.22
C ASP A 304 1.06 33.87 -0.17
N ASP A 305 1.87 34.84 -0.58
CA ASP A 305 1.36 36.14 -0.99
C ASP A 305 0.56 36.09 -2.28
N VAL A 306 1.01 35.25 -3.21
CA VAL A 306 0.26 34.98 -4.43
C VAL A 306 -1.13 34.41 -4.08
N GLU A 307 -1.19 33.41 -3.23
CA GLU A 307 -2.48 32.76 -2.91
C GLU A 307 -3.46 33.73 -2.20
N GLN A 308 -2.91 34.56 -1.30
CA GLN A 308 -3.66 35.62 -0.64
C GLN A 308 -4.23 36.58 -1.65
N ARG A 309 -3.43 37.01 -2.60
CA ARG A 309 -3.88 37.98 -3.60
C ARG A 309 -5.00 37.42 -4.48
N VAL A 310 -4.96 36.12 -4.76
CA VAL A 310 -6.09 35.43 -5.40
C VAL A 310 -7.35 35.43 -4.50
N ARG A 311 -7.18 35.06 -3.23
CA ARG A 311 -8.28 35.00 -2.24
C ARG A 311 -8.97 36.36 -2.12
N LEU A 312 -8.18 37.43 -2.13
CA LEU A 312 -8.65 38.83 -2.01
C LEU A 312 -9.16 39.45 -3.30
N GLY A 313 -9.05 38.68 -4.39
CA GLY A 313 -9.45 39.20 -5.69
C GLY A 313 -8.52 40.27 -6.26
N GLU A 314 -7.28 40.36 -5.76
CA GLU A 314 -6.31 41.35 -6.28
C GLU A 314 -5.54 40.85 -7.49
N LEU A 315 -5.67 39.55 -7.71
CA LEU A 315 -4.98 38.86 -8.77
C LEU A 315 -5.97 37.83 -9.28
N THR A 316 -6.13 37.65 -10.60
CA THR A 316 -6.91 36.49 -11.09
C THR A 316 -6.07 35.22 -10.99
N PRO A 317 -6.70 34.04 -11.00
CA PRO A 317 -5.95 32.79 -10.96
C PRO A 317 -4.94 32.61 -12.11
N ALA A 318 -5.31 33.06 -13.30
CA ALA A 318 -4.44 32.89 -14.47
C ALA A 318 -3.22 33.76 -14.32
N LEU A 319 -3.42 34.97 -13.81
CA LEU A 319 -2.28 35.84 -13.55
C LEU A 319 -1.42 35.27 -12.43
N ALA A 320 -2.08 34.60 -11.48
CA ALA A 320 -1.34 34.10 -10.33
C ALA A 320 -0.49 32.90 -10.78
N ALA A 321 -1.09 32.05 -11.61
CA ALA A 321 -0.37 30.93 -12.17
C ALA A 321 0.85 31.44 -12.99
N GLN A 322 0.67 32.48 -13.78
CA GLN A 322 1.79 33.04 -14.57
C GLN A 322 2.91 33.61 -13.69
N GLU A 323 2.53 34.22 -12.59
CA GLU A 323 3.49 34.73 -11.63
C GLU A 323 4.28 33.58 -10.99
N ILE A 324 3.62 32.47 -10.71
CA ILE A 324 4.32 31.33 -10.13
C ILE A 324 5.28 30.73 -11.17
N LEU A 325 4.82 30.59 -12.41
CA LEU A 325 5.67 29.99 -13.46
C LEU A 325 6.88 30.86 -13.72
N ASP A 326 6.65 32.18 -13.70
CA ASP A 326 7.73 33.15 -13.89
C ASP A 326 8.76 33.05 -12.79
N ALA A 327 8.30 32.94 -11.54
CA ALA A 327 9.21 32.86 -10.41
C ALA A 327 10.14 31.66 -10.56
N ALA A 328 9.64 30.62 -11.22
CA ALA A 328 10.40 29.38 -11.41
C ALA A 328 11.17 29.34 -12.73
N GLN A 329 11.24 30.46 -13.42
CA GLN A 329 11.84 30.51 -14.75
C GLN A 329 13.38 30.49 -14.66
PB GDP B . -4.30 -0.31 14.96
O1B GDP B . -2.94 -0.90 14.68
O2B GDP B . -4.21 1.08 15.53
O3B GDP B . -5.20 -0.20 13.71
O3A GDP B . -5.02 -1.25 16.00
PA GDP B . -4.24 -2.23 16.97
O1A GDP B . -2.99 -1.60 17.55
O2A GDP B . -4.01 -3.56 16.31
O5' GDP B . -5.36 -2.45 18.09
C5' GDP B . -5.94 -1.31 18.74
C4' GDP B . -6.78 -1.77 19.93
O4' GDP B . -7.90 -2.52 19.47
C3' GDP B . -5.96 -2.69 20.85
O3' GDP B . -6.30 -2.40 22.22
C2' GDP B . -6.41 -4.08 20.50
O2' GDP B . -6.33 -5.02 21.58
C1' GDP B . -7.85 -3.83 20.06
N9 GDP B . -8.28 -4.88 19.11
C8 GDP B . -7.62 -5.30 18.01
N7 GDP B . -8.32 -6.28 17.37
C5 GDP B . -9.44 -6.47 18.08
C6 GDP B . -10.63 -7.34 17.97
O6 GDP B . -10.72 -8.15 17.02
N1 GDP B . -11.58 -7.24 18.93
C2 GDP B . -11.51 -6.38 19.97
N2 GDP B . -12.53 -6.34 20.88
N3 GDP B . -10.45 -5.53 20.12
C4 GDP B . -9.42 -5.55 19.22
CL CL C . -1.52 29.94 -17.95
#